data_6TVW
#
_entry.id   6TVW
#
_cell.length_a   44.706
_cell.length_b   44.706
_cell.length_c   208.857
_cell.angle_alpha   90.000
_cell.angle_beta   90.000
_cell.angle_gamma   120.000
#
_symmetry.space_group_name_H-M   'H 3 2'
#
loop_
_entity.id
_entity.type
_entity.pdbx_description
1 polymer 'Envelope glycoprotein'
2 polymer 'Transmembrane protein gp41,Envelope glycoprotein gp160'
3 water water
#
loop_
_entity_poly.entity_id
_entity_poly.type
_entity_poly.pdbx_seq_one_letter_code
_entity_poly.pdbx_strand_id
1 'polypeptide(L)' NNLLRAIEAQQHLLQLTVWGIKQLQARILAVERYLKDQ CCC
2 'polypeptide(L)' (O0B)NNYTSLIHSLIEESQEQIWNNMTWMEWDRE DbD
#
# COMPACT_ATOMS: atom_id res chain seq x y z
N ASN A 1 15.33 19.37 8.41
CA ASN A 1 14.34 18.70 9.35
C ASN A 1 12.96 18.69 8.71
N ASN A 2 12.61 19.74 7.97
CA ASN A 2 11.26 19.85 7.37
C ASN A 2 11.15 18.74 6.33
N LEU A 3 12.27 18.44 5.67
CA LEU A 3 12.29 17.47 4.56
C LEU A 3 12.07 16.06 5.14
N LEU A 4 12.74 15.72 6.25
CA LEU A 4 12.56 14.41 6.95
C LEU A 4 11.09 14.30 7.39
N ARG A 5 10.57 15.36 7.97
CA ARG A 5 9.17 15.37 8.50
C ARG A 5 8.20 15.17 7.33
N ALA A 6 8.47 15.77 6.17
CA ALA A 6 7.59 15.65 4.99
C ALA A 6 7.58 14.20 4.50
N ILE A 7 8.75 13.58 4.44
CA ILE A 7 8.85 12.16 3.99
C ILE A 7 8.11 11.24 4.98
N GLU A 8 8.27 11.48 6.29
CA GLU A 8 7.57 10.70 7.35
C GLU A 8 6.06 10.76 7.11
N ALA A 9 5.56 11.97 6.87
CA ALA A 9 4.13 12.25 6.67
C ALA A 9 3.68 11.63 5.35
N GLN A 10 4.50 11.76 4.29
N GLN A 10 4.53 11.71 4.33
CA GLN A 10 4.18 11.16 2.97
CA GLN A 10 4.21 11.12 3.01
C GLN A 10 4.17 9.63 3.04
C GLN A 10 4.10 9.62 3.13
N GLN A 11 5.00 9.00 3.91
CA GLN A 11 4.94 7.54 4.10
C GLN A 11 3.58 7.17 4.69
N HIS A 12 3.10 7.93 5.68
CA HIS A 12 1.75 7.67 6.25
C HIS A 12 0.69 7.79 5.17
N LEU A 13 0.82 8.80 4.28
CA LEU A 13 -0.15 8.97 3.17
C LEU A 13 -0.11 7.73 2.27
N LEU A 14 1.09 7.28 1.91
CA LEU A 14 1.27 6.09 1.03
C LEU A 14 0.66 4.85 1.69
N GLN A 15 0.90 4.66 2.98
CA GLN A 15 0.31 3.53 3.73
C GLN A 15 -1.22 3.63 3.62
N LEU A 16 -1.82 4.82 3.76
CA LEU A 16 -3.30 4.95 3.64
C LEU A 16 -3.76 4.66 2.20
N THR A 17 -3.04 5.08 1.19
CA THR A 17 -3.44 4.77 -0.23
C THR A 17 -3.37 3.26 -0.49
N VAL A 18 -2.34 2.62 0.05
CA VAL A 18 -2.19 1.14 0.01
C VAL A 18 -3.39 0.48 0.66
N TRP A 19 -3.79 0.92 1.85
CA TRP A 19 -4.99 0.35 2.53
C TRP A 19 -6.19 0.48 1.59
N GLY A 20 -6.35 1.66 0.98
CA GLY A 20 -7.58 1.89 0.19
C GLY A 20 -7.57 1.04 -1.05
N ILE A 21 -6.40 0.90 -1.68
CA ILE A 21 -6.28 0.09 -2.94
C ILE A 21 -6.62 -1.38 -2.63
N LYS A 22 -6.14 -1.89 -1.48
N LYS A 22 -6.16 -1.88 -1.48
CA LYS A 22 -6.40 -3.29 -1.09
CA LYS A 22 -6.41 -3.28 -1.10
C LYS A 22 -7.91 -3.49 -0.82
C LYS A 22 -7.90 -3.49 -0.80
N GLN A 23 -8.54 -2.53 -0.11
CA GLN A 23 -10.00 -2.59 0.09
C GLN A 23 -10.71 -2.68 -1.28
N LEU A 24 -10.30 -1.85 -2.23
CA LEU A 24 -11.02 -1.76 -3.53
C LEU A 24 -10.78 -3.00 -4.36
N GLN A 25 -9.57 -3.58 -4.31
CA GLN A 25 -9.23 -4.80 -5.05
C GLN A 25 -10.13 -5.93 -4.54
N ALA A 26 -10.30 -6.01 -3.22
CA ALA A 26 -11.11 -7.09 -2.64
C ALA A 26 -12.57 -6.88 -3.01
N ARG A 27 -13.04 -5.63 -3.02
CA ARG A 27 -14.46 -5.37 -3.30
C ARG A 27 -14.77 -5.59 -4.79
N ILE A 28 -13.87 -5.18 -5.70
CA ILE A 28 -14.09 -5.38 -7.17
C ILE A 28 -14.03 -6.88 -7.47
N LEU A 29 -13.07 -7.58 -6.85
CA LEU A 29 -12.98 -9.04 -6.97
C LEU A 29 -14.28 -9.70 -6.49
N ALA A 30 -14.83 -9.31 -5.33
CA ALA A 30 -16.09 -9.93 -4.85
C ALA A 30 -17.21 -9.72 -5.86
N VAL A 31 -17.29 -8.51 -6.45
CA VAL A 31 -18.36 -8.18 -7.44
C VAL A 31 -18.16 -9.02 -8.71
N GLU A 32 -16.94 -9.09 -9.21
CA GLU A 32 -16.63 -9.91 -10.41
C GLU A 32 -17.10 -11.38 -10.18
N ARG A 33 -16.73 -11.92 -9.03
CA ARG A 33 -17.13 -13.29 -8.63
C ARG A 33 -18.64 -13.44 -8.49
N TYR A 34 -19.31 -12.46 -7.86
CA TYR A 34 -20.78 -12.48 -7.73
C TYR A 34 -21.39 -12.61 -9.13
N LEU A 35 -20.89 -11.80 -10.09
CA LEU A 35 -21.48 -11.76 -11.46
C LEU A 35 -21.17 -13.06 -12.20
N LYS A 36 -19.95 -13.60 -12.05
CA LYS A 36 -19.58 -14.93 -12.59
C LYS A 36 -20.54 -15.98 -12.01
N ASP A 37 -20.77 -15.94 -10.70
CA ASP A 37 -21.62 -16.96 -10.01
C ASP A 37 -23.11 -16.86 -10.41
N GLN A 38 -23.59 -15.67 -10.82
CA GLN A 38 -24.99 -15.46 -11.27
C GLN A 38 -25.17 -16.12 -12.64
N ASN B 2 5.52 -4.17 0.74
CA ASN B 2 6.08 -4.46 2.08
C ASN B 2 7.58 -4.16 2.06
N ASN B 3 8.26 -4.56 0.97
CA ASN B 3 9.73 -4.49 0.83
C ASN B 3 10.15 -3.01 0.86
N TYR B 4 9.56 -2.21 0.00
CA TYR B 4 9.90 -0.76 -0.06
C TYR B 4 9.50 -0.07 1.23
N THR B 5 8.35 -0.43 1.81
CA THR B 5 7.83 0.19 3.04
C THR B 5 8.82 -0.06 4.19
N SER B 6 9.31 -1.30 4.34
CA SER B 6 10.30 -1.69 5.38
C SER B 6 11.58 -0.87 5.21
N LEU B 7 12.08 -0.82 3.99
CA LEU B 7 13.31 -0.07 3.68
C LEU B 7 13.15 1.40 4.13
N ILE B 8 12.04 2.03 3.76
CA ILE B 8 11.83 3.49 4.02
C ILE B 8 11.83 3.71 5.53
N HIS B 9 11.16 2.82 6.28
CA HIS B 9 11.12 2.88 7.76
C HIS B 9 12.56 2.96 8.29
N SER B 10 13.44 2.04 7.85
N SER B 10 13.44 2.04 7.85
CA SER B 10 14.86 1.93 8.28
CA SER B 10 14.85 1.93 8.30
C SER B 10 15.63 3.21 7.92
C SER B 10 15.63 3.21 7.92
N LEU B 11 15.40 3.74 6.72
CA LEU B 11 16.13 4.93 6.22
C LEU B 11 15.78 6.17 7.05
N ILE B 12 14.48 6.32 7.36
CA ILE B 12 13.88 7.46 8.11
C ILE B 12 14.24 7.39 9.61
N GLU B 13 14.34 6.18 10.16
CA GLU B 13 14.78 5.94 11.57
C GLU B 13 16.25 6.38 11.68
N GLU B 14 17.09 5.81 10.78
CA GLU B 14 18.53 6.10 10.56
C GLU B 14 18.69 7.47 9.90
N MET B 23 3.18 -8.42 -13.61
CA MET B 23 2.79 -8.00 -12.20
C MET B 23 1.47 -8.70 -11.81
N THR B 24 1.39 -9.19 -10.56
CA THR B 24 0.19 -9.80 -9.93
C THR B 24 -0.01 -9.16 -8.55
N TRP B 25 -1.18 -9.35 -7.93
CA TRP B 25 -1.53 -8.68 -6.64
C TRP B 25 -0.67 -9.28 -5.52
N MET B 26 -0.33 -10.58 -5.55
CA MET B 26 0.58 -11.16 -4.54
C MET B 26 1.96 -10.47 -4.61
N GLU B 27 2.53 -10.36 -5.80
CA GLU B 27 3.84 -9.69 -6.03
C GLU B 27 3.73 -8.20 -5.68
N TRP B 28 2.58 -7.59 -5.94
CA TRP B 28 2.39 -6.15 -5.65
C TRP B 28 2.51 -5.96 -4.13
N ASP B 29 1.85 -6.85 -3.40
CA ASP B 29 1.85 -6.82 -1.92
C ASP B 29 3.30 -6.98 -1.42
N ARG B 30 4.05 -7.90 -2.03
CA ARG B 30 5.44 -8.21 -1.59
C ARG B 30 6.30 -6.95 -1.73
N GLU B 31 6.30 -6.37 -2.93
CA GLU B 31 7.17 -5.22 -3.30
C GLU B 31 6.83 -4.00 -2.43
#